data_6W7C
#
_entry.id   6W7C
#
_cell.length_a   66.501
_cell.length_b   123.014
_cell.length_c   125.848
_cell.angle_alpha   90
_cell.angle_beta   90
_cell.angle_gamma   90
#
_symmetry.space_group_name_H-M   'P 21 21 21'
#
loop_
_entity.id
_entity.type
_entity.pdbx_description
1 polymer 'Potassium channel subfamily K member 2'
2 non-polymer 'CADMIUM ION'
3 non-polymer DODECANE
4 non-polymer HEXADECANE
5 non-polymer 'heptyl beta-D-glucopyranoside'
6 non-polymer 'POTASSIUM ION'
7 non-polymer N-OCTANE
8 non-polymer DECANE
#
_entity_poly.entity_id   1
_entity_poly.type   'polypeptide(L)'
_entity_poly.pdbx_seq_one_letter_code
;MSFSSKPTVLASRVESDSAINVMKWKTVSTIFLVVVLYLIIGATVFKALEQPQEISQRTTIVIQREKFLRAHPCVSDQEL
DELIQQIVAAINAGIIPLGASSNQVSHWDLGSSFFFAGTVITTIGFGNISPRTEGGKIFCIIYALLGIPLFGFLLAGVGD
QLGTIFGKGIAKVEDTFIKWNVSQTKIRIISTIIFILFGCVLFVALPAVIFKHIEGWSALDAIYFVVITLTTIGFGDYVA
GGSDIEYLDFYKPVVWFWILVGLAYFAAVLSMIGDWLRVIAKKTKEAVGEFRAHAAEWTANVTSNSLEVLFQ
;
_entity_poly.pdbx_strand_id   A,B
#
loop_
_chem_comp.id
_chem_comp.type
_chem_comp.name
_chem_comp.formula
B7G D-saccharide 'heptyl beta-D-glucopyranoside' 'C13 H26 O6'
CD non-polymer 'CADMIUM ION' 'Cd 2'
D10 non-polymer DECANE 'C10 H22'
D12 non-polymer DODECANE 'C12 H26'
K non-polymer 'POTASSIUM ION' 'K 1'
OCT non-polymer N-OCTANE 'C8 H18'
R16 non-polymer HEXADECANE 'C16 H34'
#
# COMPACT_ATOMS: atom_id res chain seq x y z
N LYS A 24 29.25 5.96 -12.87
CA LYS A 24 30.33 5.97 -11.89
C LYS A 24 29.87 6.57 -10.56
N TRP A 25 29.57 7.86 -10.58
CA TRP A 25 29.15 8.55 -9.37
C TRP A 25 27.83 7.99 -8.87
N LYS A 26 27.81 7.57 -7.60
CA LYS A 26 26.66 6.82 -7.08
C LYS A 26 25.45 7.72 -6.84
N THR A 27 25.58 8.71 -5.95
CA THR A 27 24.56 9.69 -5.58
C THR A 27 23.33 9.04 -4.91
N VAL A 28 23.28 7.70 -4.83
CA VAL A 28 22.16 6.98 -4.25
C VAL A 28 22.32 6.83 -2.74
N SER A 29 23.54 6.57 -2.27
CA SER A 29 23.78 6.44 -0.84
C SER A 29 23.43 7.74 -0.12
N THR A 30 23.69 8.88 -0.75
CA THR A 30 23.30 10.17 -0.16
C THR A 30 21.78 10.25 -0.02
N ILE A 31 21.05 9.83 -1.04
CA ILE A 31 19.59 9.77 -0.93
C ILE A 31 19.18 8.72 0.08
N PHE A 32 19.93 7.62 0.16
CA PHE A 32 19.66 6.59 1.17
C PHE A 32 19.75 7.16 2.58
N LEU A 33 20.77 7.98 2.83
CA LEU A 33 20.93 8.57 4.17
C LEU A 33 19.79 9.53 4.48
N VAL A 34 19.33 10.29 3.48
CA VAL A 34 18.19 11.17 3.69
C VAL A 34 16.95 10.37 4.05
N VAL A 35 16.73 9.24 3.35
CA VAL A 35 15.58 8.40 3.65
C VAL A 35 15.70 7.78 5.04
N VAL A 36 16.88 7.27 5.38
CA VAL A 36 17.12 6.75 6.72
C VAL A 36 16.88 7.85 7.76
N LEU A 37 17.44 9.04 7.51
CA LEU A 37 17.24 10.16 8.42
C LEU A 37 15.78 10.59 8.45
N TYR A 38 15.10 10.56 7.29
CA TYR A 38 13.69 10.91 7.23
C TYR A 38 12.84 9.94 8.05
N LEU A 39 13.23 8.67 8.08
CA LEU A 39 12.51 7.69 8.89
C LEU A 39 12.78 7.88 10.38
N ILE A 40 14.03 8.20 10.73
CA ILE A 40 14.37 8.39 12.14
C ILE A 40 13.62 9.58 12.72
N ILE A 41 13.51 10.67 11.94
CA ILE A 41 12.70 11.81 12.36
C ILE A 41 11.24 11.38 12.53
N GLY A 42 10.68 10.76 11.48
CA GLY A 42 9.30 10.30 11.56
C GLY A 42 9.05 9.35 12.71
N ALA A 43 10.04 8.52 13.04
CA ALA A 43 9.89 7.60 14.17
C ALA A 43 9.69 8.36 15.47
N THR A 44 10.60 9.28 15.78
CA THR A 44 10.49 10.03 17.03
C THR A 44 9.25 10.89 17.08
N VAL A 45 8.71 11.29 15.92
CA VAL A 45 7.51 12.12 15.91
C VAL A 45 6.27 11.28 16.18
N PHE A 46 6.15 10.12 15.51
CA PHE A 46 4.98 9.27 15.74
C PHE A 46 4.93 8.78 17.18
N LYS A 47 6.06 8.35 17.73
CA LYS A 47 6.05 7.89 19.12
C LYS A 47 5.79 9.03 20.09
N ALA A 48 6.09 10.26 19.69
CA ALA A 48 5.75 11.42 20.51
C ALA A 48 4.30 11.83 20.37
N LEU A 49 3.58 11.29 19.39
CA LEU A 49 2.18 11.61 19.17
C LEU A 49 1.24 10.47 19.51
N GLU A 50 1.69 9.22 19.44
CA GLU A 50 0.83 8.06 19.60
C GLU A 50 1.06 7.27 20.88
N GLN A 51 2.29 7.20 21.37
CA GLN A 51 2.53 6.50 22.62
C GLN A 51 1.82 7.12 23.82
N PRO A 52 1.59 8.45 23.90
CA PRO A 52 0.74 8.97 24.99
C PRO A 52 -0.66 8.38 25.00
N GLN A 53 -1.40 8.49 23.88
CA GLN A 53 -2.75 7.91 23.85
C GLN A 53 -2.73 6.41 24.02
N GLU A 54 -1.62 5.75 23.66
CA GLU A 54 -1.52 4.31 23.84
C GLU A 54 -1.62 3.93 25.32
N ILE A 55 -1.10 4.78 26.21
CA ILE A 55 -1.18 4.51 27.64
C ILE A 55 -2.62 4.70 28.13
N SER A 56 -3.24 5.82 27.77
CA SER A 56 -4.59 6.12 28.25
C SER A 56 -5.57 5.03 27.85
N GLN A 57 -5.48 4.55 26.61
CA GLN A 57 -6.33 3.44 26.17
C GLN A 57 -6.06 2.20 27.01
N ARG A 58 -4.81 1.76 27.03
CA ARG A 58 -4.42 0.49 27.63
C ARG A 58 -4.36 0.53 29.16
N THR A 59 -4.47 1.70 29.77
CA THR A 59 -4.74 1.74 31.21
C THR A 59 -6.23 1.63 31.48
N THR A 60 -7.06 2.22 30.62
CA THR A 60 -8.50 2.09 30.78
C THR A 60 -9.02 0.73 30.33
N ILE A 61 -8.32 0.07 29.40
CA ILE A 61 -8.70 -1.29 29.01
C ILE A 61 -8.55 -2.22 30.21
N VAL A 62 -7.51 -2.01 31.03
CA VAL A 62 -7.39 -2.74 32.28
C VAL A 62 -8.57 -2.42 33.20
N ILE A 63 -9.15 -1.22 33.07
CA ILE A 63 -10.25 -0.84 33.94
C ILE A 63 -11.52 -1.58 33.56
N GLN A 64 -11.77 -1.77 32.26
CA GLN A 64 -12.93 -2.56 31.87
C GLN A 64 -12.75 -4.04 32.23
N ARG A 65 -11.52 -4.56 32.15
CA ARG A 65 -11.29 -5.93 32.56
C ARG A 65 -11.39 -6.07 34.07
N GLU A 66 -10.90 -5.07 34.81
CA GLU A 66 -11.00 -5.11 36.27
C GLU A 66 -12.44 -4.89 36.73
N LYS A 67 -13.21 -4.11 35.97
CA LYS A 67 -14.62 -3.89 36.30
C LYS A 67 -15.48 -5.09 35.95
N PHE A 68 -15.15 -5.81 34.87
CA PHE A 68 -16.00 -6.90 34.41
C PHE A 68 -15.99 -8.08 35.38
N LEU A 69 -14.80 -8.44 35.88
CA LEU A 69 -14.74 -9.51 36.87
C LEU A 69 -15.46 -9.14 38.16
N ARG A 70 -15.45 -7.86 38.52
CA ARG A 70 -16.19 -7.41 39.71
C ARG A 70 -17.69 -7.36 39.42
N ALA A 71 -18.08 -6.90 38.22
CA ALA A 71 -19.48 -6.80 37.88
C ALA A 71 -20.14 -8.17 37.72
N HIS A 72 -19.35 -9.22 37.49
CA HIS A 72 -19.89 -10.56 37.32
C HIS A 72 -18.94 -11.57 37.97
N PRO A 73 -19.18 -11.93 39.23
CA PRO A 73 -18.49 -13.10 39.80
C PRO A 73 -18.81 -14.39 39.07
N CYS A 74 -19.85 -14.39 38.23
CA CYS A 74 -20.17 -15.54 37.40
C CYS A 74 -18.97 -15.92 36.52
N VAL A 75 -18.30 -14.93 35.94
CA VAL A 75 -17.15 -15.15 35.08
C VAL A 75 -15.89 -14.88 35.90
N SER A 76 -14.89 -15.76 35.78
CA SER A 76 -13.69 -15.70 36.58
C SER A 76 -12.49 -15.32 35.71
N ASP A 77 -11.31 -15.27 36.36
CA ASP A 77 -10.07 -15.04 35.64
C ASP A 77 -9.81 -16.11 34.59
N GLN A 78 -9.90 -17.38 35.00
CA GLN A 78 -9.64 -18.49 34.09
C GLN A 78 -10.54 -18.45 32.86
N GLU A 79 -11.71 -17.81 32.96
CA GLU A 79 -12.70 -17.84 31.90
C GLU A 79 -12.63 -16.63 30.96
N LEU A 80 -12.16 -15.47 31.44
CA LEU A 80 -12.04 -14.32 30.55
C LEU A 80 -10.88 -14.49 29.58
N ASP A 81 -9.78 -15.10 30.03
CA ASP A 81 -8.70 -15.44 29.12
C ASP A 81 -9.20 -16.34 28.01
N GLU A 82 -10.05 -17.32 28.34
CA GLU A 82 -10.60 -18.21 27.34
C GLU A 82 -11.43 -17.45 26.30
N LEU A 83 -12.16 -16.42 26.75
CA LEU A 83 -12.94 -15.61 25.82
C LEU A 83 -12.03 -14.82 24.87
N ILE A 84 -10.99 -14.20 25.42
CA ILE A 84 -10.05 -13.45 24.57
C ILE A 84 -9.39 -14.37 23.56
N GLN A 85 -8.97 -15.56 24.00
CA GLN A 85 -8.41 -16.55 23.08
C GLN A 85 -9.38 -16.84 21.94
N GLN A 86 -10.64 -17.11 22.28
CA GLN A 86 -11.66 -17.42 21.28
C GLN A 86 -12.04 -16.19 20.46
N ILE A 87 -11.75 -14.98 20.93
CA ILE A 87 -11.94 -13.79 20.11
C ILE A 87 -10.71 -13.55 19.24
N VAL A 88 -9.52 -13.80 19.77
CA VAL A 88 -8.32 -13.70 18.95
C VAL A 88 -8.32 -14.77 17.86
N ALA A 89 -8.87 -15.95 18.15
CA ALA A 89 -9.05 -16.96 17.11
C ALA A 89 -10.04 -16.48 16.06
N ALA A 90 -11.03 -15.69 16.45
CA ALA A 90 -12.00 -15.14 15.51
C ALA A 90 -11.42 -13.99 14.67
N ILE A 91 -10.26 -13.45 15.05
CA ILE A 91 -9.63 -12.42 14.23
C ILE A 91 -9.24 -13.00 12.87
N ASN A 92 -8.91 -14.29 12.83
CA ASN A 92 -8.52 -14.92 11.58
C ASN A 92 -9.66 -14.91 10.56
N ALA A 93 -10.90 -15.00 11.03
CA ALA A 93 -12.07 -14.97 10.16
C ALA A 93 -12.84 -13.66 10.25
N GLY A 94 -13.24 -13.26 11.45
CA GLY A 94 -13.99 -12.03 11.65
C GLY A 94 -15.16 -12.19 12.59
N SER A 106 -22.27 -11.80 5.57
CA SER A 106 -21.33 -12.80 5.08
C SER A 106 -20.28 -12.17 4.16
N HIS A 107 -19.01 -12.33 4.52
CA HIS A 107 -17.93 -11.87 3.67
C HIS A 107 -17.78 -12.81 2.48
N TRP A 108 -16.85 -12.46 1.58
CA TRP A 108 -16.58 -13.25 0.38
C TRP A 108 -17.85 -13.54 -0.41
N ASP A 109 -18.82 -12.62 -0.36
CA ASP A 109 -20.06 -12.81 -1.09
C ASP A 109 -19.91 -12.37 -2.55
N LEU A 110 -21.03 -12.21 -3.25
CA LEU A 110 -20.99 -11.83 -4.66
C LEU A 110 -20.19 -10.54 -4.87
N GLY A 111 -20.22 -9.63 -3.90
CA GLY A 111 -19.60 -8.32 -4.09
C GLY A 111 -18.37 -8.06 -3.25
N SER A 112 -18.25 -8.73 -2.10
CA SER A 112 -17.09 -8.51 -1.23
C SER A 112 -15.82 -9.05 -1.85
N SER A 113 -15.89 -10.22 -2.50
CA SER A 113 -14.73 -10.74 -3.21
C SER A 113 -14.40 -9.89 -4.44
N PHE A 114 -15.40 -9.20 -4.99
CA PHE A 114 -15.13 -8.21 -6.05
C PHE A 114 -14.33 -7.05 -5.49
N PHE A 115 -14.74 -6.51 -4.34
CA PHE A 115 -14.01 -5.44 -3.70
C PHE A 115 -12.61 -5.89 -3.28
N PHE A 116 -12.49 -7.14 -2.81
CA PHE A 116 -11.18 -7.68 -2.47
C PHE A 116 -10.25 -7.68 -3.68
N ALA A 117 -10.74 -8.17 -4.82
CA ALA A 117 -9.93 -8.19 -6.03
C ALA A 117 -9.53 -6.79 -6.45
N GLY A 118 -10.40 -5.79 -6.21
CA GLY A 118 -10.03 -4.43 -6.52
C GLY A 118 -8.88 -3.93 -5.66
N THR A 119 -8.89 -4.26 -4.37
CA THR A 119 -7.79 -3.89 -3.49
C THR A 119 -6.48 -4.55 -3.89
N VAL A 120 -6.54 -5.70 -4.58
CA VAL A 120 -5.33 -6.42 -4.95
C VAL A 120 -4.65 -5.75 -6.13
N ILE A 121 -5.41 -5.45 -7.19
CA ILE A 121 -4.81 -4.88 -8.39
C ILE A 121 -4.47 -3.40 -8.22
N THR A 122 -5.13 -2.70 -7.30
CA THR A 122 -4.80 -1.32 -6.99
C THR A 122 -3.70 -1.21 -5.95
N THR A 123 -3.27 -2.33 -5.37
CA THR A 123 -2.28 -2.39 -4.29
C THR A 123 -2.69 -1.60 -3.06
N ILE A 124 -3.97 -1.20 -2.96
CA ILE A 124 -4.47 -0.62 -1.72
C ILE A 124 -4.43 -1.65 -0.61
N GLY A 125 -5.04 -2.81 -0.84
CA GLY A 125 -4.91 -3.97 0.02
C GLY A 125 -5.10 -3.72 1.50
N PHE A 126 -6.32 -3.39 1.91
CA PHE A 126 -6.57 -3.12 3.33
C PHE A 126 -6.32 -4.35 4.19
N GLY A 127 -6.54 -5.53 3.65
CA GLY A 127 -6.09 -6.75 4.32
C GLY A 127 -6.80 -7.10 5.61
N ASN A 128 -7.99 -6.54 5.86
CA ASN A 128 -8.78 -7.03 6.98
C ASN A 128 -9.33 -8.42 6.70
N ILE A 129 -9.80 -8.65 5.48
CA ILE A 129 -10.21 -9.97 5.01
C ILE A 129 -9.20 -10.39 3.95
N SER A 130 -8.30 -11.29 4.31
CA SER A 130 -7.30 -11.85 3.41
C SER A 130 -7.56 -13.33 3.20
N PRO A 131 -7.11 -13.90 2.08
CA PRO A 131 -7.44 -15.30 1.79
C PRO A 131 -6.74 -16.25 2.75
N ARG A 132 -7.49 -17.26 3.20
CA ARG A 132 -6.99 -18.26 4.14
C ARG A 132 -6.68 -19.61 3.51
N THR A 133 -7.26 -19.90 2.34
CA THR A 133 -7.04 -21.17 1.67
C THR A 133 -5.71 -21.16 0.94
N GLU A 134 -5.05 -22.33 0.88
CA GLU A 134 -3.83 -22.46 0.09
C GLU A 134 -4.07 -22.11 -1.36
N GLY A 135 -5.18 -22.59 -1.94
CA GLY A 135 -5.51 -22.23 -3.31
C GLY A 135 -5.86 -20.76 -3.45
N GLY A 136 -6.52 -20.19 -2.44
CA GLY A 136 -6.82 -18.77 -2.46
C GLY A 136 -5.58 -17.90 -2.38
N LYS A 137 -4.54 -18.39 -1.71
CA LYS A 137 -3.28 -17.64 -1.65
C LYS A 137 -2.49 -17.80 -2.94
N ILE A 138 -2.45 -19.01 -3.50
CA ILE A 138 -1.76 -19.23 -4.77
C ILE A 138 -2.42 -18.43 -5.88
N PHE A 139 -3.76 -18.46 -5.93
CA PHE A 139 -4.48 -17.65 -6.91
C PHE A 139 -4.20 -16.17 -6.69
N CYS A 140 -4.21 -15.71 -5.43
CA CYS A 140 -3.96 -14.31 -5.15
C CYS A 140 -2.57 -13.88 -5.58
N ILE A 141 -1.59 -14.78 -5.47
CA ILE A 141 -0.24 -14.47 -5.95
C ILE A 141 -0.25 -14.25 -7.45
N ILE A 142 -0.85 -15.18 -8.19
CA ILE A 142 -0.89 -15.05 -9.65
C ILE A 142 -1.84 -13.91 -10.05
N TYR A 143 -2.97 -13.79 -9.35
CA TYR A 143 -3.94 -12.74 -9.68
C TYR A 143 -3.35 -11.36 -9.48
N ALA A 144 -2.44 -11.21 -8.52
CA ALA A 144 -1.79 -9.91 -8.29
C ALA A 144 -0.67 -9.67 -9.31
N LEU A 145 0.18 -10.68 -9.53
CA LEU A 145 1.28 -10.55 -10.47
C LEU A 145 0.79 -10.19 -11.87
N LEU A 146 -0.45 -10.51 -12.21
CA LEU A 146 -1.03 -10.14 -13.50
C LEU A 146 -1.97 -8.96 -13.41
N GLY A 147 -2.66 -8.78 -12.28
CA GLY A 147 -3.63 -7.70 -12.17
C GLY A 147 -3.00 -6.35 -11.92
N ILE A 148 -1.88 -6.31 -11.20
CA ILE A 148 -1.22 -5.03 -10.93
C ILE A 148 -0.70 -4.39 -12.22
N PRO A 149 0.03 -5.08 -13.10
CA PRO A 149 0.39 -4.44 -14.38
C PRO A 149 -0.82 -4.12 -15.23
N LEU A 150 -1.79 -5.04 -15.31
CA LEU A 150 -3.03 -4.79 -16.07
C LEU A 150 -3.70 -3.51 -15.61
N PHE A 151 -3.93 -3.39 -14.30
CA PHE A 151 -4.57 -2.18 -13.78
C PHE A 151 -3.71 -0.95 -14.02
N GLY A 152 -2.39 -1.13 -14.09
CA GLY A 152 -1.52 0.00 -14.37
C GLY A 152 -1.80 0.64 -15.72
N PHE A 153 -2.08 -0.19 -16.73
CA PHE A 153 -2.41 0.37 -18.04
C PHE A 153 -3.73 1.12 -18.01
N LEU A 154 -4.72 0.61 -17.25
CA LEU A 154 -5.96 1.36 -17.06
C LEU A 154 -5.70 2.69 -16.40
N LEU A 155 -5.01 2.67 -15.25
CA LEU A 155 -4.72 3.92 -14.54
C LEU A 155 -3.90 4.88 -15.40
N ALA A 156 -2.95 4.35 -16.17
CA ALA A 156 -2.15 5.20 -17.03
C ALA A 156 -2.99 5.82 -18.13
N GLY A 157 -3.86 5.01 -18.76
CA GLY A 157 -4.75 5.55 -19.78
C GLY A 157 -5.74 6.54 -19.21
N VAL A 158 -6.27 6.26 -18.01
CA VAL A 158 -7.17 7.20 -17.35
C VAL A 158 -6.42 8.48 -16.98
N GLY A 159 -5.15 8.35 -16.61
CA GLY A 159 -4.36 9.54 -16.31
C GLY A 159 -4.18 10.43 -17.52
N ASP A 160 -3.74 9.85 -18.64
CA ASP A 160 -3.61 10.63 -19.86
C ASP A 160 -4.97 11.15 -20.33
N GLN A 161 -6.01 10.32 -20.25
CA GLN A 161 -7.34 10.76 -20.65
C GLN A 161 -7.81 11.93 -19.80
N LEU A 162 -7.56 11.87 -18.48
CA LEU A 162 -7.93 12.96 -17.60
C LEU A 162 -6.94 14.12 -17.67
N GLY A 163 -5.69 13.85 -18.06
CA GLY A 163 -4.73 14.92 -18.21
C GLY A 163 -5.05 15.86 -19.35
N THR A 164 -5.62 15.34 -20.43
CA THR A 164 -6.06 16.18 -21.53
C THR A 164 -7.36 16.90 -21.21
N ILE A 165 -8.25 16.27 -20.43
CA ILE A 165 -9.43 16.97 -19.94
C ILE A 165 -9.01 18.17 -19.11
N PHE A 166 -7.99 18.00 -18.26
CA PHE A 166 -7.41 19.14 -17.56
C PHE A 166 -6.68 20.06 -18.52
N GLY A 167 -6.10 19.50 -19.60
CA GLY A 167 -5.45 20.33 -20.60
C GLY A 167 -6.42 21.23 -21.35
N LYS A 168 -7.65 20.77 -21.58
CA LYS A 168 -8.66 21.62 -22.16
C LYS A 168 -9.13 22.68 -21.17
N GLY A 169 -9.25 22.29 -19.89
CA GLY A 169 -9.70 23.24 -18.88
C GLY A 169 -8.74 24.39 -18.67
N ILE A 170 -7.44 24.14 -18.87
CA ILE A 170 -6.46 25.22 -18.74
C ILE A 170 -6.25 25.98 -20.04
N ALA A 171 -6.60 25.39 -21.19
CA ALA A 171 -6.45 26.10 -22.45
C ALA A 171 -7.35 27.32 -22.50
N LYS A 172 -8.55 27.23 -21.93
CA LYS A 172 -9.42 28.39 -21.84
C LYS A 172 -8.97 29.36 -20.76
N VAL A 173 -8.34 28.85 -19.70
CA VAL A 173 -7.85 29.72 -18.64
C VAL A 173 -6.53 30.37 -19.06
N GLU A 174 -5.76 29.73 -19.93
CA GLU A 174 -4.49 30.27 -20.41
C GLU A 174 -4.66 31.14 -21.66
N ASP A 175 -5.84 31.71 -21.88
CA ASP A 175 -6.00 32.76 -22.88
C ASP A 175 -6.69 33.99 -22.31
N THR A 176 -7.54 33.80 -21.30
CA THR A 176 -8.34 34.89 -20.76
C THR A 176 -7.69 35.61 -19.58
N PHE A 177 -6.46 35.24 -19.20
CA PHE A 177 -5.80 35.86 -18.06
C PHE A 177 -4.31 36.09 -18.28
N ILE A 178 -3.79 35.87 -19.48
CA ILE A 178 -2.34 35.79 -19.70
C ILE A 178 -1.76 37.12 -20.12
N LYS A 179 -2.36 37.80 -21.09
CA LYS A 179 -1.86 39.11 -21.49
C LYS A 179 -2.10 40.19 -20.44
N TRP A 180 -2.66 39.83 -19.29
CA TRP A 180 -2.72 40.74 -18.15
C TRP A 180 -1.37 40.76 -17.44
N ASN A 181 -1.31 41.43 -16.29
CA ASN A 181 -0.04 41.83 -15.70
C ASN A 181 0.74 40.68 -15.09
N VAL A 182 0.10 39.54 -14.81
CA VAL A 182 0.83 38.41 -14.22
C VAL A 182 1.81 37.85 -15.24
N SER A 183 3.08 37.78 -14.85
CA SER A 183 4.15 37.51 -15.79
C SER A 183 4.23 36.02 -16.12
N GLN A 184 5.23 35.66 -16.94
CA GLN A 184 5.35 34.29 -17.44
C GLN A 184 5.61 33.30 -16.31
N THR A 185 6.52 33.64 -15.40
CA THR A 185 6.88 32.70 -14.33
C THR A 185 5.81 32.59 -13.26
N LYS A 186 4.89 33.54 -13.17
CA LYS A 186 3.84 33.49 -12.16
C LYS A 186 2.55 32.85 -12.64
N ILE A 187 2.25 32.97 -13.94
CA ILE A 187 1.04 32.34 -14.49
C ILE A 187 0.97 30.87 -14.13
N ARG A 188 2.12 30.17 -14.21
CA ARG A 188 2.14 28.74 -13.97
C ARG A 188 1.68 28.37 -12.56
N ILE A 189 1.80 29.30 -11.61
CA ILE A 189 1.53 29.00 -10.20
C ILE A 189 0.04 29.13 -9.87
N ILE A 190 -0.66 30.10 -10.46
CA ILE A 190 -2.10 30.22 -10.23
C ILE A 190 -2.81 28.96 -10.70
N SER A 191 -2.38 28.40 -11.82
CA SER A 191 -3.02 27.19 -12.33
C SER A 191 -2.77 25.99 -11.42
N THR A 192 -1.56 25.88 -10.86
CA THR A 192 -1.28 24.78 -9.95
C THR A 192 -2.07 24.90 -8.66
N ILE A 193 -2.43 26.12 -8.26
CA ILE A 193 -3.31 26.29 -7.11
C ILE A 193 -4.72 25.84 -7.47
N ILE A 194 -5.21 26.21 -8.65
CA ILE A 194 -6.51 25.76 -9.11
C ILE A 194 -6.53 24.25 -9.27
N PHE A 195 -5.39 23.65 -9.59
CA PHE A 195 -5.29 22.19 -9.62
C PHE A 195 -5.51 21.60 -8.24
N ILE A 196 -4.72 22.04 -7.26
CA ILE A 196 -4.76 21.43 -5.93
C ILE A 196 -6.12 21.67 -5.27
N LEU A 197 -6.61 22.91 -5.31
CA LEU A 197 -7.86 23.21 -4.63
C LEU A 197 -9.02 22.48 -5.29
N PHE A 198 -9.17 22.63 -6.61
CA PHE A 198 -10.33 22.04 -7.28
C PHE A 198 -10.23 20.53 -7.32
N GLY A 199 -9.02 19.99 -7.32
CA GLY A 199 -8.84 18.55 -7.22
C GLY A 199 -9.12 18.04 -5.81
N CYS A 200 -8.34 18.54 -4.85
CA CYS A 200 -8.41 17.99 -3.49
C CYS A 200 -9.79 18.19 -2.86
N VAL A 201 -10.37 19.38 -3.03
CA VAL A 201 -11.68 19.65 -2.45
C VAL A 201 -12.72 18.68 -3.01
N LEU A 202 -12.66 18.41 -4.30
CA LEU A 202 -13.47 17.34 -4.87
C LEU A 202 -13.17 16.00 -4.23
N PHE A 203 -11.90 15.59 -4.23
CA PHE A 203 -11.55 14.21 -3.87
C PHE A 203 -11.57 13.94 -2.38
N VAL A 204 -11.65 14.96 -1.51
CA VAL A 204 -11.75 14.68 -0.09
C VAL A 204 -13.21 14.74 0.35
N ALA A 205 -14.01 15.57 -0.31
CA ALA A 205 -15.41 15.74 0.06
C ALA A 205 -16.30 14.67 -0.55
N LEU A 206 -16.23 14.50 -1.87
CA LEU A 206 -17.19 13.62 -2.54
C LEU A 206 -16.83 12.15 -2.38
N PRO A 207 -15.65 11.67 -2.83
CA PRO A 207 -15.44 10.21 -2.86
C PRO A 207 -15.48 9.55 -1.49
N ALA A 208 -14.83 10.16 -0.49
CA ALA A 208 -14.89 9.62 0.86
C ALA A 208 -16.32 9.50 1.34
N VAL A 209 -17.18 10.44 0.94
CA VAL A 209 -18.58 10.38 1.32
C VAL A 209 -19.38 9.54 0.33
N ILE A 210 -19.23 9.76 -0.98
CA ILE A 210 -19.89 8.93 -1.99
C ILE A 210 -19.68 7.45 -1.68
N PHE A 211 -18.61 7.14 -0.96
CA PHE A 211 -18.40 5.78 -0.47
C PHE A 211 -19.44 5.41 0.60
N LYS A 212 -19.81 6.38 1.47
CA LYS A 212 -20.73 6.19 2.62
C LYS A 212 -21.60 7.45 2.75
N HIS A 213 -22.53 7.66 1.81
CA HIS A 213 -23.00 9.01 1.44
C HIS A 213 -24.38 9.34 2.00
N ILE A 214 -24.43 9.71 3.30
CA ILE A 214 -25.29 10.75 3.88
C ILE A 214 -24.91 10.86 5.36
N GLU A 215 -25.20 12.01 5.99
CA GLU A 215 -24.97 12.22 7.43
C GLU A 215 -23.48 12.12 7.73
N GLY A 216 -22.74 13.04 7.12
CA GLY A 216 -21.43 12.69 6.59
C GLY A 216 -20.41 12.03 7.48
N TRP A 217 -19.74 12.80 8.34
CA TRP A 217 -18.50 12.27 8.91
C TRP A 217 -17.80 13.27 9.82
N SER A 218 -16.70 12.86 10.45
CA SER A 218 -15.80 13.82 11.06
C SER A 218 -14.92 14.44 9.99
N ALA A 219 -14.64 15.74 10.13
CA ALA A 219 -14.05 16.48 9.01
C ALA A 219 -12.66 15.96 8.65
N LEU A 220 -11.83 15.66 9.65
CA LEU A 220 -10.47 15.23 9.37
C LEU A 220 -10.43 13.82 8.81
N ASP A 221 -11.17 12.89 9.41
CA ASP A 221 -11.09 11.48 9.01
C ASP A 221 -11.56 11.25 7.58
N ALA A 222 -12.15 12.25 6.92
CA ALA A 222 -12.44 12.14 5.51
C ALA A 222 -11.19 12.40 4.68
N ILE A 223 -10.44 13.45 5.01
CA ILE A 223 -9.18 13.73 4.34
C ILE A 223 -8.17 12.62 4.63
N TYR A 224 -8.09 12.20 5.90
CA TYR A 224 -7.23 11.08 6.25
C TYR A 224 -7.60 9.81 5.48
N PHE A 225 -8.91 9.54 5.36
CA PHE A 225 -9.36 8.39 4.58
C PHE A 225 -8.90 8.48 3.13
N VAL A 226 -9.06 9.66 2.52
CA VAL A 226 -8.76 9.80 1.10
C VAL A 226 -7.27 9.62 0.83
N VAL A 227 -6.43 10.31 1.62
CA VAL A 227 -4.99 10.25 1.38
C VAL A 227 -4.47 8.82 1.56
N ILE A 228 -4.88 8.17 2.65
CA ILE A 228 -4.43 6.80 2.91
C ILE A 228 -4.90 5.85 1.82
N THR A 229 -6.09 6.10 1.25
CA THR A 229 -6.64 5.20 0.25
C THR A 229 -5.99 5.43 -1.12
N LEU A 230 -6.05 6.66 -1.63
CA LEU A 230 -5.63 6.92 -3.00
C LEU A 230 -4.12 6.95 -3.17
N THR A 231 -3.36 7.07 -2.08
CA THR A 231 -1.92 6.83 -2.14
C THR A 231 -1.58 5.35 -2.04
N THR A 232 -2.60 4.48 -2.07
CA THR A 232 -2.42 3.03 -2.00
C THR A 232 -1.67 2.61 -0.74
N ILE A 233 -2.00 3.25 0.39
CA ILE A 233 -1.34 2.91 1.66
C ILE A 233 -2.16 1.91 2.48
N GLY A 234 -3.47 1.80 2.24
CA GLY A 234 -4.21 0.86 3.05
C GLY A 234 -5.51 1.27 3.73
N PHE A 235 -6.26 2.21 3.14
CA PHE A 235 -7.72 2.18 3.32
C PHE A 235 -8.20 2.33 4.76
N GLY A 236 -8.21 3.56 5.28
CA GLY A 236 -8.42 3.80 6.69
C GLY A 236 -9.77 3.44 7.30
N ASP A 237 -9.96 2.15 7.57
CA ASP A 237 -11.03 1.64 8.44
C ASP A 237 -12.47 1.76 7.91
N TYR A 238 -12.81 0.96 6.91
CA TYR A 238 -14.19 0.60 6.60
C TYR A 238 -15.06 0.50 7.86
N VAL A 239 -16.21 1.16 7.81
CA VAL A 239 -17.19 1.19 8.89
C VAL A 239 -18.54 0.75 8.34
N ALA A 240 -19.28 -0.04 9.13
CA ALA A 240 -20.60 -0.53 8.74
C ALA A 240 -21.72 0.10 9.58
N GLY A 241 -21.40 1.11 10.38
CA GLY A 241 -22.43 1.74 11.20
C GLY A 241 -22.92 0.90 12.36
N GLY A 242 -22.03 0.11 12.97
CA GLY A 242 -22.45 -0.72 14.09
C GLY A 242 -22.78 0.06 15.34
N SER A 243 -22.13 1.22 15.52
CA SER A 243 -22.38 2.06 16.69
C SER A 243 -22.38 3.54 16.31
N TYR A 251 -24.32 1.21 -7.27
CA TYR A 251 -23.20 2.13 -7.04
C TYR A 251 -21.85 1.61 -7.52
N LYS A 252 -21.75 0.29 -7.73
CA LYS A 252 -20.46 -0.35 -8.01
C LYS A 252 -19.66 0.33 -9.12
N PRO A 253 -20.21 0.65 -10.30
CA PRO A 253 -19.39 1.33 -11.30
C PRO A 253 -19.05 2.76 -10.92
N VAL A 254 -19.96 3.46 -10.23
CA VAL A 254 -19.74 4.87 -9.93
C VAL A 254 -18.70 5.05 -8.82
N VAL A 255 -18.65 4.12 -7.86
CA VAL A 255 -17.70 4.25 -6.75
C VAL A 255 -16.28 4.00 -7.26
N TRP A 256 -16.08 2.90 -8.00
CA TRP A 256 -14.77 2.65 -8.59
C TRP A 256 -14.41 3.66 -9.67
N PHE A 257 -15.37 4.44 -10.16
CA PHE A 257 -15.05 5.62 -10.96
C PHE A 257 -14.21 6.61 -10.16
N TRP A 258 -14.74 7.07 -9.03
CA TRP A 258 -14.04 8.07 -8.23
C TRP A 258 -12.70 7.53 -7.73
N ILE A 259 -12.64 6.22 -7.43
CA ILE A 259 -11.39 5.61 -7.00
C ILE A 259 -10.37 5.63 -8.14
N LEU A 260 -10.80 5.22 -9.33
CA LEU A 260 -9.89 5.17 -10.47
C LEU A 260 -9.43 6.58 -10.86
N VAL A 261 -10.33 7.56 -10.76
CA VAL A 261 -9.94 8.94 -11.04
C VAL A 261 -9.09 9.50 -9.91
N GLY A 262 -9.42 9.15 -8.66
CA GLY A 262 -8.65 9.63 -7.53
C GLY A 262 -7.25 9.04 -7.48
N LEU A 263 -7.12 7.75 -7.78
CA LEU A 263 -5.80 7.14 -7.86
C LEU A 263 -4.94 7.83 -8.92
N ALA A 264 -5.55 8.16 -10.06
CA ALA A 264 -4.82 8.91 -11.09
C ALA A 264 -4.51 10.33 -10.64
N TYR A 265 -5.38 10.90 -9.80
CA TYR A 265 -5.14 12.26 -9.31
C TYR A 265 -3.89 12.32 -8.43
N PHE A 266 -3.83 11.48 -7.38
CA PHE A 266 -2.65 11.47 -6.52
C PHE A 266 -1.42 10.92 -7.24
N ALA A 267 -1.61 10.11 -8.29
CA ALA A 267 -0.47 9.65 -9.06
C ALA A 267 0.30 10.83 -9.64
N ALA A 268 -0.43 11.84 -10.12
CA ALA A 268 0.20 13.07 -10.59
C ALA A 268 0.60 13.98 -9.43
N VAL A 269 -0.23 14.04 -8.39
CA VAL A 269 0.09 14.85 -7.23
C VAL A 269 1.43 14.42 -6.62
N LEU A 270 1.58 13.12 -6.37
CA LEU A 270 2.84 12.62 -5.84
C LEU A 270 3.99 12.87 -6.81
N SER A 271 3.73 12.77 -8.12
CA SER A 271 4.77 12.98 -9.11
C SER A 271 5.21 14.43 -9.16
N MET A 272 4.27 15.37 -8.98
CA MET A 272 4.64 16.78 -8.92
C MET A 272 5.47 17.06 -7.67
N ILE A 273 5.02 16.56 -6.51
CA ILE A 273 5.79 16.71 -5.28
C ILE A 273 7.21 16.19 -5.48
N GLY A 274 7.35 15.10 -6.21
CA GLY A 274 8.68 14.63 -6.56
C GLY A 274 9.46 15.63 -7.39
N ASP A 275 8.77 16.34 -8.28
CA ASP A 275 9.42 17.35 -9.09
C ASP A 275 9.83 18.55 -8.24
N TRP A 276 8.96 18.98 -7.33
CA TRP A 276 9.31 20.08 -6.44
C TRP A 276 10.47 19.72 -5.52
N LEU A 277 10.54 18.45 -5.11
CA LEU A 277 11.69 18.00 -4.33
C LEU A 277 12.97 18.03 -5.16
N ARG A 278 12.86 17.73 -6.46
CA ARG A 278 14.02 17.82 -7.35
C ARG A 278 14.54 19.24 -7.44
N VAL A 279 13.63 20.22 -7.52
CA VAL A 279 14.04 21.62 -7.58
C VAL A 279 14.74 22.02 -6.28
N ILE A 280 14.07 21.77 -5.15
CA ILE A 280 14.64 22.08 -3.85
C ILE A 280 15.93 21.31 -3.60
N ALA A 281 16.11 20.16 -4.25
CA ALA A 281 17.36 19.43 -4.14
C ALA A 281 18.51 20.19 -4.78
N LYS A 282 18.30 20.73 -5.99
CA LYS A 282 19.35 21.49 -6.66
C LYS A 282 19.54 22.86 -6.02
N LYS A 283 18.47 23.48 -5.53
CA LYS A 283 18.61 24.78 -4.87
C LYS A 283 19.40 24.65 -3.59
N THR A 284 19.25 23.54 -2.87
CA THR A 284 20.07 23.28 -1.70
C THR A 284 21.42 22.65 -2.05
N LYS A 285 21.54 22.09 -3.26
CA LYS A 285 22.85 21.59 -3.69
C LYS A 285 23.79 22.74 -4.02
N GLU A 286 23.28 23.79 -4.65
CA GLU A 286 24.10 24.94 -5.01
C GLU A 286 24.39 25.82 -3.79
N ALA A 287 23.49 25.85 -2.81
CA ALA A 287 23.70 26.69 -1.64
C ALA A 287 24.86 26.20 -0.78
N VAL A 288 24.95 24.89 -0.58
CA VAL A 288 26.02 24.32 0.24
C VAL A 288 27.36 24.51 -0.45
N GLY A 289 27.47 24.07 -1.70
CA GLY A 289 28.70 24.26 -2.46
C GLY A 289 29.13 25.69 -2.59
N GLU A 290 28.17 26.63 -2.51
CA GLU A 290 28.49 28.05 -2.53
C GLU A 290 28.96 28.51 -1.15
N PHE A 291 28.27 28.10 -0.09
CA PHE A 291 28.71 28.41 1.27
C PHE A 291 30.04 27.74 1.59
N ARG A 292 30.23 26.48 1.17
CA ARG A 292 31.53 25.85 1.33
C ARG A 292 32.60 26.51 0.47
N ALA A 293 32.21 27.27 -0.55
CA ALA A 293 33.17 27.98 -1.38
C ALA A 293 33.63 29.27 -0.71
N HIS A 294 32.72 29.99 -0.06
CA HIS A 294 33.10 31.22 0.64
C HIS A 294 33.83 30.92 1.94
N ALA A 295 33.39 29.90 2.68
CA ALA A 295 34.07 29.51 3.90
C ALA A 295 35.46 28.95 3.63
N ALA A 296 35.75 28.55 2.39
CA ALA A 296 37.08 28.05 2.06
C ALA A 296 38.06 29.20 1.86
N GLU A 297 37.66 30.22 1.10
CA GLU A 297 38.53 31.38 0.90
C GLU A 297 38.57 32.27 2.14
N TRP A 298 37.52 32.21 2.97
CA TRP A 298 37.57 32.86 4.28
C TRP A 298 38.74 32.32 5.10
N THR A 299 38.83 30.99 5.20
CA THR A 299 39.89 30.37 5.99
C THR A 299 41.27 30.73 5.47
N ALA A 300 41.40 30.91 4.14
CA ALA A 300 42.67 31.34 3.59
C ALA A 300 42.99 32.78 3.99
N ASN A 301 41.96 33.62 4.09
CA ASN A 301 42.19 35.01 4.51
C ASN A 301 42.63 35.09 5.96
N VAL A 302 42.18 34.15 6.80
CA VAL A 302 42.53 34.17 8.22
C VAL A 302 44.00 33.83 8.42
N THR A 303 44.57 32.98 7.56
CA THR A 303 45.94 32.54 7.71
C THR A 303 46.96 33.65 7.55
N SER A 304 46.54 34.86 7.20
CA SER A 304 47.45 35.99 7.02
C SER A 304 48.19 36.33 8.30
N SER B 16 -6.41 15.96 -36.84
CA SER B 16 -5.24 15.16 -36.49
C SER B 16 -4.91 15.32 -35.01
N ASP B 17 -5.16 16.51 -34.46
CA ASP B 17 -4.89 16.77 -33.05
C ASP B 17 -5.79 15.91 -32.17
N SER B 18 -7.11 16.05 -32.33
CA SER B 18 -8.08 15.26 -31.58
C SER B 18 -8.53 14.03 -32.36
N ALA B 19 -7.80 13.64 -33.40
CA ALA B 19 -8.07 12.40 -34.11
C ALA B 19 -7.39 11.21 -33.46
N ILE B 20 -6.22 11.42 -32.87
CA ILE B 20 -5.58 10.36 -32.09
C ILE B 20 -6.30 10.16 -30.77
N ASN B 21 -6.97 11.21 -30.26
CA ASN B 21 -7.74 11.08 -29.03
C ASN B 21 -9.05 10.34 -29.26
N VAL B 22 -9.61 10.41 -30.46
CA VAL B 22 -10.71 9.52 -30.82
C VAL B 22 -10.25 8.08 -30.78
N MET B 23 -8.96 7.85 -31.05
CA MET B 23 -8.39 6.51 -31.03
C MET B 23 -7.91 6.09 -29.65
N LYS B 24 -7.59 7.05 -28.78
CA LYS B 24 -7.15 6.72 -27.42
C LYS B 24 -8.32 6.33 -26.53
N TRP B 25 -9.43 7.07 -26.60
CA TRP B 25 -10.55 6.78 -25.73
C TRP B 25 -11.10 5.39 -25.97
N LYS B 26 -11.03 4.91 -27.22
CA LYS B 26 -11.43 3.53 -27.51
C LYS B 26 -10.53 2.54 -26.80
N THR B 27 -9.22 2.82 -26.77
CA THR B 27 -8.28 1.90 -26.14
C THR B 27 -8.44 1.87 -24.63
N VAL B 28 -8.82 2.99 -24.03
CA VAL B 28 -8.94 3.04 -22.57
C VAL B 28 -10.17 2.26 -22.11
N SER B 29 -11.32 2.52 -22.74
CA SER B 29 -12.56 1.85 -22.32
C SER B 29 -12.48 0.34 -22.49
N THR B 30 -11.78 -0.12 -23.54
CA THR B 30 -11.60 -1.56 -23.71
C THR B 30 -10.73 -2.14 -22.60
N ILE B 31 -9.69 -1.42 -22.19
CA ILE B 31 -8.90 -1.87 -21.05
C ILE B 31 -9.73 -1.80 -19.77
N PHE B 32 -10.60 -0.79 -19.66
CA PHE B 32 -11.54 -0.73 -18.55
C PHE B 32 -12.40 -1.98 -18.48
N LEU B 33 -12.92 -2.42 -19.64
CA LEU B 33 -13.76 -3.61 -19.66
C LEU B 33 -12.96 -4.87 -19.31
N VAL B 34 -11.71 -4.95 -19.78
CA VAL B 34 -10.84 -6.05 -19.39
C VAL B 34 -10.65 -6.06 -17.88
N VAL B 35 -10.43 -4.88 -17.29
CA VAL B 35 -10.27 -4.79 -15.84
C VAL B 35 -11.56 -5.21 -15.13
N VAL B 36 -12.70 -4.77 -15.65
CA VAL B 36 -13.99 -5.16 -15.05
C VAL B 36 -14.17 -6.67 -15.10
N LEU B 37 -13.93 -7.27 -16.28
CA LEU B 37 -14.07 -8.71 -16.40
C LEU B 37 -13.03 -9.45 -15.59
N TYR B 38 -11.80 -8.92 -15.53
CA TYR B 38 -10.75 -9.54 -14.73
C TYR B 38 -11.12 -9.56 -13.25
N LEU B 39 -11.83 -8.53 -12.78
CA LEU B 39 -12.28 -8.51 -11.40
C LEU B 39 -13.45 -9.47 -11.19
N ILE B 40 -14.35 -9.55 -12.16
CA ILE B 40 -15.49 -10.47 -12.05
C ILE B 40 -15.01 -11.91 -12.01
N ILE B 41 -14.02 -12.24 -12.85
CA ILE B 41 -13.41 -13.57 -12.80
C ILE B 41 -12.76 -13.80 -11.44
N GLY B 42 -11.93 -12.83 -11.01
CA GLY B 42 -11.30 -12.96 -9.70
C GLY B 42 -12.30 -13.04 -8.57
N ALA B 43 -13.38 -12.27 -8.67
CA ALA B 43 -14.43 -12.31 -7.64
C ALA B 43 -15.01 -13.71 -7.52
N THR B 44 -15.36 -14.32 -8.64
CA THR B 44 -15.97 -15.66 -8.61
C THR B 44 -14.98 -16.72 -8.17
N VAL B 45 -13.68 -16.50 -8.39
CA VAL B 45 -12.69 -17.50 -7.97
C VAL B 45 -12.45 -17.44 -6.47
N PHE B 46 -12.32 -16.23 -5.91
CA PHE B 46 -12.09 -16.11 -4.47
C PHE B 46 -13.30 -16.59 -3.67
N LYS B 47 -14.51 -16.19 -4.08
CA LYS B 47 -15.70 -16.61 -3.33
C LYS B 47 -16.01 -18.09 -3.53
N ALA B 48 -15.38 -18.75 -4.49
CA ALA B 48 -15.47 -20.20 -4.62
C ALA B 48 -14.39 -20.94 -3.84
N LEU B 49 -13.37 -20.23 -3.36
CA LEU B 49 -12.29 -20.81 -2.57
C LEU B 49 -12.37 -20.46 -1.09
N GLU B 50 -12.96 -19.32 -0.75
CA GLU B 50 -12.93 -18.81 0.62
C GLU B 50 -14.27 -18.90 1.35
N GLN B 51 -15.38 -18.69 0.63
CA GLN B 51 -16.68 -18.73 1.28
C GLN B 51 -17.03 -20.10 1.86
N PRO B 52 -16.57 -21.23 1.33
CA PRO B 52 -16.77 -22.50 2.06
C PRO B 52 -16.12 -22.51 3.43
N GLN B 53 -14.85 -22.12 3.53
CA GLN B 53 -14.16 -22.08 4.82
C GLN B 53 -14.78 -21.06 5.77
N GLU B 54 -15.45 -20.04 5.25
CA GLU B 54 -16.09 -19.06 6.12
C GLU B 54 -17.29 -19.66 6.83
N ILE B 55 -18.10 -20.45 6.11
CA ILE B 55 -19.29 -21.04 6.72
C ILE B 55 -18.90 -21.98 7.86
N SER B 56 -17.89 -22.81 7.64
CA SER B 56 -17.43 -23.71 8.68
C SER B 56 -16.93 -22.96 9.90
N GLN B 57 -16.36 -21.77 9.70
CA GLN B 57 -15.85 -20.98 10.81
C GLN B 57 -16.99 -20.29 11.57
N ARG B 58 -17.92 -19.68 10.84
CA ARG B 58 -19.00 -18.94 11.51
C ARG B 58 -20.01 -19.86 12.17
N THR B 59 -20.27 -21.03 11.58
CA THR B 59 -21.18 -21.98 12.22
C THR B 59 -20.58 -22.51 13.52
N THR B 60 -19.26 -22.70 13.56
CA THR B 60 -18.61 -23.18 14.77
C THR B 60 -18.27 -22.08 15.76
N ILE B 61 -18.27 -20.82 15.33
CA ILE B 61 -18.10 -19.73 16.29
C ILE B 61 -19.42 -19.42 16.99
N VAL B 62 -20.56 -19.76 16.36
CA VAL B 62 -21.83 -19.71 17.05
C VAL B 62 -21.92 -20.84 18.07
N ILE B 63 -21.33 -21.99 17.76
CA ILE B 63 -21.35 -23.12 18.69
C ILE B 63 -20.67 -22.76 20.00
N GLN B 64 -19.54 -22.04 19.93
CA GLN B 64 -18.85 -21.63 21.16
C GLN B 64 -19.56 -20.50 21.88
N ARG B 65 -20.38 -19.71 21.19
CA ARG B 65 -21.28 -18.82 21.91
C ARG B 65 -22.42 -19.62 22.55
N GLU B 66 -23.01 -20.55 21.79
CA GLU B 66 -24.07 -21.37 22.34
C GLU B 66 -23.55 -22.30 23.43
N LYS B 67 -22.28 -22.69 23.36
CA LYS B 67 -21.69 -23.52 24.40
C LYS B 67 -21.40 -22.72 25.66
N PHE B 68 -20.57 -21.68 25.53
CA PHE B 68 -20.02 -21.00 26.69
C PHE B 68 -21.03 -20.11 27.39
N LEU B 69 -22.16 -19.79 26.75
CA LEU B 69 -23.21 -19.03 27.38
C LEU B 69 -24.19 -19.91 28.13
N ARG B 70 -24.39 -21.15 27.68
CA ARG B 70 -25.11 -22.12 28.49
C ARG B 70 -24.23 -22.67 29.62
N ALA B 71 -22.91 -22.72 29.39
CA ALA B 71 -21.99 -23.12 30.44
C ALA B 71 -21.94 -22.13 31.59
N HIS B 72 -22.35 -20.89 31.36
CA HIS B 72 -22.42 -19.86 32.41
C HIS B 72 -23.64 -18.99 32.13
N PRO B 73 -24.84 -19.46 32.50
CA PRO B 73 -26.05 -18.65 32.25
C PRO B 73 -26.05 -17.34 33.00
N CYS B 74 -25.39 -17.26 34.16
CA CYS B 74 -25.36 -16.07 34.99
C CYS B 74 -24.53 -14.93 34.39
N VAL B 75 -23.92 -15.10 33.22
CA VAL B 75 -23.32 -13.98 32.52
C VAL B 75 -24.44 -13.19 31.85
N SER B 76 -24.20 -11.89 31.63
CA SER B 76 -25.19 -11.03 30.99
C SER B 76 -25.32 -11.45 29.54
N ASP B 77 -26.41 -12.16 29.22
CA ASP B 77 -26.67 -12.63 27.87
C ASP B 77 -26.66 -11.48 26.87
N GLN B 78 -27.58 -10.53 27.04
CA GLN B 78 -27.73 -9.45 26.07
C GLN B 78 -26.54 -8.51 26.06
N GLU B 79 -25.79 -8.43 27.14
CA GLU B 79 -24.62 -7.55 27.23
C GLU B 79 -23.31 -8.29 26.95
N LEU B 80 -23.36 -9.61 26.70
CA LEU B 80 -22.15 -10.32 26.32
C LEU B 80 -21.66 -9.91 24.94
N ASP B 81 -22.58 -9.61 24.03
CA ASP B 81 -22.19 -9.13 22.71
C ASP B 81 -21.50 -7.77 22.82
N GLU B 82 -21.95 -6.93 23.76
CA GLU B 82 -21.35 -5.62 23.94
C GLU B 82 -19.91 -5.74 24.43
N LEU B 83 -19.62 -6.74 25.26
CA LEU B 83 -18.25 -6.98 25.69
C LEU B 83 -17.39 -7.40 24.50
N ILE B 84 -17.91 -8.28 23.64
CA ILE B 84 -17.14 -8.76 22.49
C ILE B 84 -16.83 -7.60 21.55
N GLN B 85 -17.81 -6.72 21.31
CA GLN B 85 -17.56 -5.53 20.51
C GLN B 85 -16.44 -4.69 21.10
N GLN B 86 -16.54 -4.40 22.40
CA GLN B 86 -15.51 -3.60 23.07
C GLN B 86 -14.16 -4.32 23.10
N ILE B 87 -14.15 -5.64 22.97
CA ILE B 87 -12.89 -6.37 22.82
C ILE B 87 -12.40 -6.30 21.39
N VAL B 88 -13.31 -6.46 20.42
CA VAL B 88 -12.93 -6.37 19.02
C VAL B 88 -12.54 -4.94 18.66
N ALA B 89 -13.24 -3.95 19.24
CA ALA B 89 -12.84 -2.56 19.04
C ALA B 89 -11.44 -2.31 19.59
N ALA B 90 -11.06 -3.00 20.65
CA ALA B 90 -9.71 -2.91 21.18
C ALA B 90 -8.70 -3.69 20.35
N ILE B 91 -9.16 -4.67 19.55
CA ILE B 91 -8.25 -5.40 18.67
C ILE B 91 -7.66 -4.49 17.61
N ASN B 92 -8.41 -3.48 17.18
CA ASN B 92 -7.89 -2.52 16.22
C ASN B 92 -6.68 -1.77 16.75
N ALA B 93 -6.54 -1.66 18.08
CA ALA B 93 -5.35 -1.17 18.71
C ALA B 93 -4.56 -2.34 19.32
N GLY B 94 -3.45 -2.03 19.96
CA GLY B 94 -2.64 -3.05 20.60
C GLY B 94 -3.16 -3.45 21.97
N ILE B 95 -3.50 -4.72 22.15
CA ILE B 95 -4.10 -5.20 23.39
C ILE B 95 -3.57 -6.58 23.74
N ILE B 96 -3.25 -6.77 25.02
CA ILE B 96 -3.12 -8.10 25.62
C ILE B 96 -3.97 -8.05 26.88
N PRO B 97 -5.31 -7.97 26.76
CA PRO B 97 -6.18 -7.76 27.95
C PRO B 97 -6.51 -9.05 28.70
N LEU B 98 -5.56 -9.49 29.53
CA LEU B 98 -5.68 -10.77 30.22
C LEU B 98 -5.41 -10.59 31.71
N GLY B 99 -5.97 -11.51 32.49
CA GLY B 99 -5.74 -11.47 33.93
C GLY B 99 -4.28 -11.72 34.28
N ALA B 100 -3.63 -12.60 33.55
CA ALA B 100 -2.18 -12.78 33.65
C ALA B 100 -1.50 -11.91 32.61
N SER B 101 -0.36 -11.34 32.97
CA SER B 101 0.42 -10.45 32.11
C SER B 101 -0.38 -9.19 31.75
N SER B 102 -0.82 -8.48 32.79
CA SER B 102 -1.37 -7.15 32.58
C SER B 102 -0.31 -6.16 32.12
N ASN B 103 0.95 -6.42 32.45
CA ASN B 103 2.05 -5.65 31.89
C ASN B 103 2.14 -5.88 30.38
N GLN B 104 2.46 -4.82 29.64
CA GLN B 104 2.33 -4.82 28.19
C GLN B 104 3.46 -4.02 27.58
N VAL B 105 3.60 -4.14 26.26
CA VAL B 105 4.67 -3.49 25.51
C VAL B 105 4.04 -2.52 24.53
N SER B 106 4.72 -1.39 24.30
CA SER B 106 4.22 -0.36 23.41
C SER B 106 4.47 -0.74 21.95
N HIS B 107 3.44 -0.60 21.13
CA HIS B 107 3.58 -0.73 19.68
C HIS B 107 3.95 0.58 19.00
N TRP B 108 4.28 1.60 19.79
CA TRP B 108 4.83 2.86 19.28
C TRP B 108 6.17 3.13 19.93
N ASP B 109 6.97 2.08 20.11
CA ASP B 109 8.25 2.20 20.81
C ASP B 109 9.33 2.75 19.87
N LEU B 110 10.59 2.62 20.28
CA LEU B 110 11.69 3.18 19.50
C LEU B 110 11.74 2.61 18.08
N GLY B 111 11.39 1.34 17.92
CA GLY B 111 11.59 0.67 16.64
C GLY B 111 10.32 0.37 15.85
N SER B 112 9.18 0.33 16.52
CA SER B 112 7.93 0.03 15.81
C SER B 112 7.43 1.24 15.03
N SER B 113 7.52 2.43 15.62
CA SER B 113 7.16 3.63 14.86
C SER B 113 8.15 3.89 13.73
N PHE B 114 9.38 3.43 13.87
CA PHE B 114 10.32 3.43 12.75
C PHE B 114 9.83 2.51 11.63
N PHE B 115 9.42 1.29 11.99
CA PHE B 115 8.83 0.37 11.02
C PHE B 115 7.53 0.93 10.46
N PHE B 116 6.76 1.64 11.27
CA PHE B 116 5.51 2.22 10.79
C PHE B 116 5.77 3.24 9.68
N ALA B 117 6.73 4.13 9.89
CA ALA B 117 7.07 5.11 8.87
C ALA B 117 7.55 4.43 7.59
N GLY B 118 8.21 3.28 7.71
CA GLY B 118 8.62 2.55 6.53
C GLY B 118 7.44 2.08 5.70
N THR B 119 6.42 1.52 6.37
CA THR B 119 5.23 1.07 5.65
C THR B 119 4.47 2.23 5.01
N VAL B 120 4.68 3.45 5.50
CA VAL B 120 3.98 4.61 4.95
C VAL B 120 4.62 5.07 3.64
N ILE B 121 5.94 5.30 3.67
CA ILE B 121 6.60 5.81 2.47
C ILE B 121 6.69 4.75 1.39
N THR B 122 6.70 3.47 1.78
CA THR B 122 6.65 2.38 0.83
C THR B 122 5.23 2.02 0.41
N THR B 123 4.22 2.62 1.05
CA THR B 123 2.80 2.36 0.80
C THR B 123 2.42 0.89 1.00
N ILE B 124 3.20 0.14 1.79
CA ILE B 124 2.84 -1.23 2.10
C ILE B 124 1.63 -1.26 3.02
N GLY B 125 1.79 -0.72 4.23
CA GLY B 125 0.67 -0.20 4.98
C GLY B 125 0.15 -0.89 6.23
N PHE B 126 0.57 -0.37 7.38
CA PHE B 126 -0.20 -0.32 8.62
C PHE B 126 -0.43 -1.62 9.38
N GLY B 127 -0.18 -2.77 8.77
CA GLY B 127 -0.66 -4.00 9.36
C GLY B 127 -2.13 -3.88 9.76
N ASN B 128 -2.40 -3.92 11.07
CA ASN B 128 -3.74 -3.65 11.59
C ASN B 128 -3.85 -2.33 12.36
N ILE B 129 -2.75 -1.81 12.90
CA ILE B 129 -2.80 -0.64 13.77
C ILE B 129 -2.37 0.60 12.98
N SER B 130 -3.09 1.69 13.19
CA SER B 130 -2.87 2.97 12.53
C SER B 130 -2.93 4.06 13.59
N PRO B 131 -2.43 5.26 13.29
CA PRO B 131 -2.42 6.32 14.31
C PRO B 131 -3.84 6.75 14.67
N ARG B 132 -4.06 6.92 15.97
CA ARG B 132 -5.35 7.36 16.50
C ARG B 132 -5.40 8.85 16.79
N THR B 133 -4.27 9.48 17.09
CA THR B 133 -4.25 10.89 17.45
C THR B 133 -4.54 11.75 16.23
N GLU B 134 -5.26 12.85 16.45
CA GLU B 134 -5.44 13.83 15.38
C GLU B 134 -4.10 14.37 14.89
N GLY B 135 -3.20 14.67 15.82
CA GLY B 135 -1.86 15.10 15.42
C GLY B 135 -1.09 14.03 14.68
N GLY B 136 -1.27 12.78 15.09
CA GLY B 136 -0.64 11.68 14.39
C GLY B 136 -1.22 11.45 13.00
N LYS B 137 -2.52 11.69 12.85
CA LYS B 137 -3.15 11.54 11.53
C LYS B 137 -2.76 12.69 10.61
N ILE B 138 -2.72 13.92 11.13
CA ILE B 138 -2.33 15.06 10.31
C ILE B 138 -0.86 14.94 9.90
N PHE B 139 0.01 14.56 10.83
CA PHE B 139 1.41 14.34 10.49
C PHE B 139 1.56 13.23 9.47
N CYS B 140 0.79 12.15 9.63
CA CYS B 140 0.89 11.03 8.70
C CYS B 140 0.50 11.44 7.28
N ILE B 141 -0.48 12.33 7.15
CA ILE B 141 -0.86 12.83 5.83
C ILE B 141 0.29 13.59 5.20
N ILE B 142 0.89 14.51 5.96
CA ILE B 142 2.02 15.28 5.45
C ILE B 142 3.24 14.39 5.27
N TYR B 143 3.47 13.47 6.22
CA TYR B 143 4.63 12.58 6.14
C TYR B 143 4.56 11.68 4.91
N ALA B 144 3.36 11.27 4.52
CA ALA B 144 3.20 10.40 3.36
C ALA B 144 3.31 11.19 2.07
N LEU B 145 2.60 12.32 1.97
CA LEU B 145 2.67 13.15 0.77
C LEU B 145 4.08 13.58 0.43
N LEU B 146 4.98 13.62 1.42
CA LEU B 146 6.37 13.94 1.20
C LEU B 146 7.27 12.71 1.21
N GLY B 147 6.93 11.70 2.00
CA GLY B 147 7.74 10.51 2.13
C GLY B 147 7.64 9.57 0.95
N ILE B 148 6.43 9.43 0.38
CA ILE B 148 6.26 8.59 -0.80
C ILE B 148 7.10 9.08 -1.97
N PRO B 149 7.07 10.36 -2.36
CA PRO B 149 7.97 10.79 -3.45
C PRO B 149 9.44 10.67 -3.08
N LEU B 150 9.80 11.06 -1.85
CA LEU B 150 11.18 10.92 -1.39
C LEU B 150 11.67 9.49 -1.53
N PHE B 151 10.87 8.53 -1.08
CA PHE B 151 11.27 7.13 -1.17
C PHE B 151 11.38 6.66 -2.62
N GLY B 152 10.55 7.22 -3.50
CA GLY B 152 10.60 6.82 -4.90
C GLY B 152 11.94 7.13 -5.54
N PHE B 153 12.56 8.25 -5.17
CA PHE B 153 13.88 8.57 -5.69
C PHE B 153 14.93 7.56 -5.20
N LEU B 154 14.84 7.15 -3.94
CA LEU B 154 15.70 6.10 -3.45
C LEU B 154 15.47 4.79 -4.20
N LEU B 155 14.20 4.38 -4.29
CA LEU B 155 13.87 3.13 -4.97
C LEU B 155 14.33 3.17 -6.43
N ALA B 156 14.15 4.31 -7.10
CA ALA B 156 14.63 4.45 -8.47
C ALA B 156 16.15 4.39 -8.53
N GLY B 157 16.82 5.07 -7.59
CA GLY B 157 18.27 4.98 -7.55
C GLY B 157 18.75 3.59 -7.21
N VAL B 158 18.04 2.89 -6.33
CA VAL B 158 18.38 1.51 -6.01
C VAL B 158 18.19 0.61 -7.24
N GLY B 159 17.13 0.87 -8.01
CA GLY B 159 16.90 0.09 -9.22
C GLY B 159 18.01 0.28 -10.24
N ASP B 160 18.38 1.53 -10.51
CA ASP B 160 19.49 1.80 -11.42
C ASP B 160 20.80 1.25 -10.87
N GLN B 161 21.04 1.42 -9.56
CA GLN B 161 22.23 0.87 -8.96
C GLN B 161 22.24 -0.65 -9.06
N LEU B 162 21.08 -1.28 -8.89
CA LEU B 162 20.96 -2.72 -9.06
C LEU B 162 20.95 -3.13 -10.53
N GLY B 163 20.46 -2.24 -11.40
CA GLY B 163 20.39 -2.57 -12.82
C GLY B 163 21.76 -2.69 -13.45
N THR B 164 22.70 -1.85 -13.03
CA THR B 164 24.07 -1.95 -13.54
C THR B 164 24.81 -3.14 -12.96
N ILE B 165 24.50 -3.50 -11.71
CA ILE B 165 25.04 -4.74 -11.15
C ILE B 165 24.57 -5.94 -11.96
N PHE B 166 23.32 -5.89 -12.44
CA PHE B 166 22.83 -6.94 -13.33
C PHE B 166 23.46 -6.83 -14.71
N GLY B 167 23.69 -5.59 -15.18
CA GLY B 167 24.37 -5.42 -16.45
C GLY B 167 25.79 -5.94 -16.43
N LYS B 168 26.45 -5.86 -15.28
CA LYS B 168 27.77 -6.45 -15.14
C LYS B 168 27.70 -7.98 -15.09
N GLY B 169 26.74 -8.50 -14.32
CA GLY B 169 26.60 -9.95 -14.21
C GLY B 169 26.17 -10.61 -15.52
N ILE B 170 25.42 -9.89 -16.34
CA ILE B 170 25.01 -10.45 -17.63
C ILE B 170 26.10 -10.27 -18.69
N ALA B 171 27.04 -9.34 -18.48
CA ALA B 171 28.13 -9.16 -19.43
C ALA B 171 29.04 -10.38 -19.47
N LYS B 172 29.27 -11.01 -18.31
CA LYS B 172 30.05 -12.24 -18.30
C LYS B 172 29.25 -13.42 -18.85
N VAL B 173 27.95 -13.44 -18.59
CA VAL B 173 27.13 -14.57 -19.03
C VAL B 173 26.89 -14.51 -20.54
N GLU B 174 26.86 -13.31 -21.12
CA GLU B 174 26.66 -13.14 -22.55
C GLU B 174 27.95 -13.18 -23.35
N ASP B 175 28.99 -13.83 -22.81
CA ASP B 175 30.21 -14.10 -23.57
C ASP B 175 30.61 -15.56 -23.40
N THR B 176 30.24 -16.18 -22.27
CA THR B 176 30.52 -17.58 -22.03
C THR B 176 29.61 -18.51 -22.82
N PHE B 177 28.62 -17.98 -23.54
CA PHE B 177 27.74 -18.78 -24.36
C PHE B 177 27.69 -18.28 -25.79
N ILE B 178 28.68 -17.49 -26.21
CA ILE B 178 28.74 -16.96 -27.58
C ILE B 178 29.50 -17.98 -28.40
N LYS B 179 28.76 -18.93 -28.99
CA LYS B 179 29.33 -19.88 -29.92
C LYS B 179 29.26 -19.30 -31.34
N TRP B 180 29.47 -20.14 -32.34
CA TRP B 180 29.28 -19.71 -33.72
C TRP B 180 27.79 -19.42 -33.94
N ASN B 181 27.50 -18.72 -35.03
CA ASN B 181 26.13 -18.36 -35.39
C ASN B 181 25.47 -17.54 -34.28
N SER B 183 21.57 -15.99 -31.86
CA SER B 183 21.62 -14.69 -32.51
C SER B 183 21.35 -13.57 -31.51
N GLN B 184 21.53 -12.32 -31.96
CA GLN B 184 21.37 -11.17 -31.06
C GLN B 184 19.96 -11.09 -30.49
N THR B 185 18.94 -11.33 -31.32
CA THR B 185 17.56 -11.22 -30.87
C THR B 185 17.16 -12.35 -29.95
N LYS B 186 17.89 -13.46 -29.95
CA LYS B 186 17.54 -14.62 -29.14
C LYS B 186 18.29 -14.69 -27.82
N ILE B 187 19.51 -14.14 -27.76
CA ILE B 187 20.26 -14.10 -26.50
C ILE B 187 19.51 -13.28 -25.46
N ARG B 188 18.72 -12.30 -25.89
CA ARG B 188 18.01 -11.44 -24.95
C ARG B 188 17.01 -12.22 -24.12
N ILE B 189 16.52 -13.35 -24.63
CA ILE B 189 15.54 -14.14 -23.90
C ILE B 189 16.22 -14.99 -22.81
N ILE B 190 17.42 -15.50 -23.09
CA ILE B 190 18.18 -16.21 -22.06
C ILE B 190 18.55 -15.25 -20.94
N SER B 191 18.85 -14.00 -21.27
CA SER B 191 19.21 -13.02 -20.25
C SER B 191 18.03 -12.70 -19.33
N THR B 192 16.80 -12.77 -19.85
CA THR B 192 15.63 -12.53 -19.02
C THR B 192 15.28 -13.73 -18.14
N ILE B 193 15.71 -14.94 -18.52
CA ILE B 193 15.48 -16.10 -17.67
C ILE B 193 16.47 -16.12 -16.51
N ILE B 194 17.72 -15.75 -16.76
CA ILE B 194 18.71 -15.69 -15.69
C ILE B 194 18.41 -14.53 -14.75
N PHE B 195 17.66 -13.53 -15.22
CA PHE B 195 17.16 -12.48 -14.32
C PHE B 195 16.12 -13.05 -13.36
N ILE B 196 15.09 -13.70 -13.89
CA ILE B 196 14.03 -14.25 -13.05
C ILE B 196 14.58 -15.34 -12.15
N LEU B 197 15.57 -16.11 -12.62
CA LEU B 197 16.10 -17.20 -11.82
C LEU B 197 16.88 -16.67 -10.61
N PHE B 198 17.98 -15.95 -10.86
CA PHE B 198 18.71 -15.32 -9.77
C PHE B 198 17.79 -14.42 -8.93
N GLY B 199 16.96 -13.63 -9.58
CA GLY B 199 16.08 -12.72 -8.88
C GLY B 199 15.16 -13.42 -7.91
N CYS B 200 14.35 -14.36 -8.40
CA CYS B 200 13.40 -15.05 -7.53
C CYS B 200 14.08 -15.99 -6.54
N VAL B 201 15.31 -16.42 -6.81
CA VAL B 201 16.05 -17.20 -5.82
C VAL B 201 16.58 -16.30 -4.72
N LEU B 202 17.20 -15.18 -5.09
CA LEU B 202 17.74 -14.26 -4.09
C LEU B 202 16.63 -13.52 -3.35
N PHE B 203 15.65 -12.99 -4.07
CA PHE B 203 14.69 -12.07 -3.47
C PHE B 203 13.42 -12.74 -2.99
N VAL B 204 13.07 -13.90 -3.52
CA VAL B 204 11.84 -14.62 -3.15
C VAL B 204 12.16 -15.90 -2.40
N ALA B 205 13.11 -16.69 -2.91
CA ALA B 205 13.36 -18.01 -2.33
C ALA B 205 14.14 -17.92 -1.01
N LEU B 206 15.35 -17.35 -1.06
CA LEU B 206 16.21 -17.31 0.12
C LEU B 206 15.56 -16.68 1.35
N PRO B 207 14.90 -15.51 1.26
CA PRO B 207 14.24 -14.99 2.46
C PRO B 207 13.04 -15.82 2.90
N ALA B 208 12.27 -16.37 1.96
CA ALA B 208 11.15 -17.22 2.33
C ALA B 208 11.61 -18.48 3.03
N VAL B 209 12.78 -19.00 2.65
CA VAL B 209 13.34 -20.15 3.36
C VAL B 209 13.75 -19.76 4.78
N ILE B 210 14.24 -18.53 4.96
CA ILE B 210 14.70 -18.10 6.28
C ILE B 210 13.54 -17.87 7.23
N PHE B 211 12.40 -17.38 6.72
CA PHE B 211 11.26 -17.13 7.60
C PHE B 211 10.64 -18.41 8.14
N LYS B 212 10.92 -19.56 7.51
CA LYS B 212 10.41 -20.83 8.00
C LYS B 212 10.94 -21.16 9.39
N HIS B 213 12.23 -20.90 9.62
CA HIS B 213 12.84 -21.26 10.90
C HIS B 213 12.61 -20.22 11.98
N ILE B 214 12.07 -19.06 11.64
CA ILE B 214 11.84 -17.99 12.60
C ILE B 214 10.41 -18.00 13.12
N GLU B 215 9.43 -17.96 12.22
CA GLU B 215 8.01 -17.93 12.60
C GLU B 215 7.25 -19.18 12.23
N GLY B 216 7.90 -20.19 11.64
CA GLY B 216 7.23 -21.44 11.35
C GLY B 216 6.15 -21.37 10.30
N TRP B 217 6.25 -20.42 9.37
CA TRP B 217 5.30 -20.32 8.27
C TRP B 217 5.43 -21.50 7.33
N SER B 218 4.29 -22.02 6.87
CA SER B 218 4.32 -23.09 5.88
C SER B 218 5.00 -22.61 4.61
N ALA B 219 5.31 -23.58 3.73
CA ALA B 219 6.10 -23.29 2.54
C ALA B 219 5.45 -22.20 1.69
N LEU B 220 4.13 -22.27 1.50
CA LEU B 220 3.43 -21.27 0.71
C LEU B 220 3.35 -19.93 1.43
N ASP B 221 3.07 -19.96 2.74
CA ASP B 221 2.82 -18.73 3.49
C ASP B 221 4.01 -17.79 3.51
N ALA B 222 5.21 -18.30 3.21
CA ALA B 222 6.37 -17.42 3.11
C ALA B 222 6.45 -16.75 1.74
N ILE B 223 6.17 -17.51 0.67
CA ILE B 223 6.13 -16.92 -0.67
C ILE B 223 4.98 -15.93 -0.78
N TYR B 224 3.79 -16.33 -0.31
CA TYR B 224 2.65 -15.42 -0.27
C TYR B 224 2.98 -14.15 0.51
N PHE B 225 3.74 -14.27 1.60
CA PHE B 225 4.15 -13.09 2.36
C PHE B 225 5.06 -12.19 1.53
N VAL B 226 6.05 -12.79 0.85
CA VAL B 226 6.99 -12.00 0.07
C VAL B 226 6.27 -11.27 -1.06
N VAL B 227 5.35 -11.97 -1.75
CA VAL B 227 4.67 -11.36 -2.89
C VAL B 227 3.76 -10.22 -2.42
N ILE B 228 2.94 -10.48 -1.41
CA ILE B 228 2.02 -9.45 -0.93
C ILE B 228 2.78 -8.23 -0.41
N THR B 229 3.96 -8.44 0.19
CA THR B 229 4.73 -7.33 0.71
C THR B 229 5.41 -6.54 -0.41
N LEU B 230 6.27 -7.19 -1.19
CA LEU B 230 7.08 -6.47 -2.15
C LEU B 230 6.30 -5.97 -3.36
N THR B 231 5.06 -6.45 -3.56
CA THR B 231 4.14 -5.83 -4.49
C THR B 231 3.35 -4.71 -3.84
N THR B 232 3.86 -4.15 -2.74
CA THR B 232 3.26 -3.06 -1.95
C THR B 232 1.75 -3.20 -1.79
N ILE B 233 1.28 -4.43 -1.60
CA ILE B 233 -0.15 -4.65 -1.31
C ILE B 233 -0.41 -4.58 0.18
N GLY B 234 0.45 -5.19 1.00
CA GLY B 234 0.32 -5.12 2.44
C GLY B 234 -0.29 -6.37 3.04
N VAL B 239 2.80 -11.20 11.17
CA VAL B 239 3.92 -10.35 10.77
C VAL B 239 5.22 -10.97 11.28
N ALA B 240 6.25 -10.98 10.41
CA ALA B 240 7.53 -11.58 10.75
C ALA B 240 8.40 -10.68 11.62
N GLY B 241 8.06 -9.40 11.76
CA GLY B 241 8.90 -8.50 12.55
C GLY B 241 8.88 -8.84 14.02
N GLY B 242 7.74 -9.28 14.53
CA GLY B 242 7.63 -9.63 15.95
C GLY B 242 8.20 -11.01 16.21
N SER B 243 9.09 -11.11 17.20
CA SER B 243 9.71 -12.38 17.53
C SER B 243 9.56 -12.67 19.02
N ASP B 244 9.45 -11.62 19.83
CA ASP B 244 9.33 -11.73 21.29
C ASP B 244 10.48 -12.54 21.89
N ASP B 249 16.74 -8.30 17.75
CA ASP B 249 16.83 -6.95 17.20
C ASP B 249 18.01 -6.87 16.22
N PHE B 250 18.53 -8.04 15.83
CA PHE B 250 19.70 -8.09 14.97
C PHE B 250 19.37 -8.33 13.51
N TYR B 251 18.13 -8.71 13.18
CA TYR B 251 17.81 -9.06 11.80
C TYR B 251 16.76 -8.15 11.17
N LYS B 252 16.02 -7.36 11.97
CA LYS B 252 15.11 -6.39 11.39
C LYS B 252 15.83 -5.34 10.54
N PRO B 253 16.99 -4.79 10.92
CA PRO B 253 17.69 -3.88 10.00
C PRO B 253 18.14 -4.55 8.71
N VAL B 254 18.48 -5.84 8.77
CA VAL B 254 18.92 -6.54 7.55
C VAL B 254 17.72 -6.81 6.64
N VAL B 255 16.60 -7.24 7.23
CA VAL B 255 15.41 -7.52 6.42
C VAL B 255 14.90 -6.25 5.77
N TRP B 256 14.94 -5.12 6.50
CA TRP B 256 14.48 -3.86 5.93
C TRP B 256 15.24 -3.52 4.66
N PHE B 257 16.54 -3.80 4.62
CA PHE B 257 17.34 -3.50 3.44
C PHE B 257 17.17 -4.55 2.34
N TRP B 258 16.83 -5.79 2.71
CA TRP B 258 16.31 -6.73 1.72
C TRP B 258 15.05 -6.17 1.06
N ILE B 259 14.16 -5.59 1.85
CA ILE B 259 12.90 -5.07 1.32
C ILE B 259 13.16 -3.98 0.28
N LEU B 260 14.06 -3.05 0.61
CA LEU B 260 14.37 -1.96 -0.32
C LEU B 260 14.81 -2.47 -1.67
N VAL B 261 15.67 -3.51 -1.69
CA VAL B 261 16.13 -4.03 -2.96
C VAL B 261 15.09 -4.97 -3.56
N GLY B 262 14.33 -5.68 -2.71
CA GLY B 262 13.24 -6.51 -3.21
C GLY B 262 12.12 -5.69 -3.80
N LEU B 263 11.82 -4.53 -3.19
CA LEU B 263 10.85 -3.63 -3.80
C LEU B 263 11.31 -3.15 -5.17
N ALA B 264 12.63 -2.91 -5.30
CA ALA B 264 13.16 -2.54 -6.60
C ALA B 264 13.11 -3.71 -7.57
N TYR B 265 13.15 -4.94 -7.07
CA TYR B 265 13.11 -6.11 -7.95
C TYR B 265 11.73 -6.30 -8.55
N PHE B 266 10.69 -6.37 -7.72
CA PHE B 266 9.34 -6.50 -8.26
C PHE B 266 8.90 -5.28 -9.04
N ALA B 267 9.52 -4.12 -8.80
CA ALA B 267 9.24 -2.95 -9.63
C ALA B 267 9.56 -3.24 -11.09
N ALA B 268 10.66 -3.95 -11.35
CA ALA B 268 11.00 -4.35 -12.71
C ALA B 268 10.19 -5.55 -13.15
N VAL B 269 9.96 -6.51 -12.24
CA VAL B 269 9.20 -7.71 -12.57
C VAL B 269 7.79 -7.35 -13.02
N LEU B 270 7.09 -6.54 -12.22
CA LEU B 270 5.78 -6.04 -12.63
C LEU B 270 5.88 -5.24 -13.92
N SER B 271 6.98 -4.52 -14.13
CA SER B 271 7.15 -3.75 -15.35
C SER B 271 7.33 -4.67 -16.56
N MET B 272 8.04 -5.78 -16.39
CA MET B 272 8.18 -6.74 -17.48
C MET B 272 6.85 -7.42 -17.78
N ILE B 273 6.14 -7.85 -16.73
CA ILE B 273 4.83 -8.47 -16.91
C ILE B 273 3.90 -7.54 -17.67
N GLY B 274 4.02 -6.23 -17.42
CA GLY B 274 3.26 -5.28 -18.21
C GLY B 274 3.68 -5.26 -19.67
N ASP B 275 4.99 -5.36 -19.92
CA ASP B 275 5.47 -5.42 -21.31
C ASP B 275 5.03 -6.70 -21.99
N TRP B 276 5.00 -7.81 -21.24
CA TRP B 276 4.49 -9.06 -21.79
C TRP B 276 3.02 -8.93 -22.17
N LEU B 277 2.28 -8.11 -21.45
CA LEU B 277 0.86 -7.90 -21.76
C LEU B 277 0.67 -7.00 -22.97
N ARG B 278 1.58 -6.05 -23.19
CA ARG B 278 1.55 -5.28 -24.44
C ARG B 278 1.72 -6.18 -25.64
N VAL B 279 2.65 -7.12 -25.57
CA VAL B 279 2.85 -8.07 -26.67
C VAL B 279 1.60 -8.90 -26.87
N ILE B 280 1.15 -9.56 -25.81
CA ILE B 280 -0.04 -10.40 -25.89
C ILE B 280 -1.25 -9.59 -26.33
N ALA B 281 -1.26 -8.29 -26.04
CA ALA B 281 -2.36 -7.45 -26.51
C ALA B 281 -2.38 -7.35 -28.03
N LYS B 282 -1.24 -6.96 -28.62
CA LYS B 282 -1.19 -6.78 -30.07
C LYS B 282 -1.33 -8.11 -30.81
N LYS B 283 -0.69 -9.16 -30.32
CA LYS B 283 -0.79 -10.46 -30.97
C LYS B 283 -2.24 -10.92 -31.03
N THR B 284 -3.02 -10.64 -29.99
CA THR B 284 -4.45 -10.92 -30.03
C THR B 284 -5.21 -9.82 -30.76
N LYS B 285 -4.67 -8.60 -30.79
CA LYS B 285 -5.33 -7.52 -31.53
C LYS B 285 -5.21 -7.72 -33.04
N GLU B 286 -4.11 -8.32 -33.49
CA GLU B 286 -3.96 -8.62 -34.90
C GLU B 286 -4.62 -9.93 -35.29
N ALA B 287 -4.73 -10.87 -34.34
CA ALA B 287 -5.37 -12.15 -34.64
C ALA B 287 -6.86 -11.99 -34.90
N VAL B 288 -7.53 -11.17 -34.09
CA VAL B 288 -8.95 -10.90 -34.32
C VAL B 288 -9.16 -10.13 -35.62
N GLY B 289 -8.25 -9.20 -35.92
CA GLY B 289 -8.39 -8.42 -37.14
C GLY B 289 -8.29 -9.27 -38.39
N GLU B 290 -7.40 -10.26 -38.39
CA GLU B 290 -7.25 -11.12 -39.56
C GLU B 290 -8.41 -12.11 -39.65
N PHE B 291 -8.75 -12.75 -38.53
CA PHE B 291 -9.87 -13.69 -38.49
C PHE B 291 -11.18 -13.02 -38.87
N ARG B 292 -11.34 -11.74 -38.54
CA ARG B 292 -12.53 -11.02 -38.99
C ARG B 292 -12.44 -10.70 -40.48
N ALA B 293 -11.23 -10.38 -40.97
CA ALA B 293 -11.07 -9.94 -42.35
C ALA B 293 -11.20 -11.12 -43.32
N HIS B 294 -10.48 -12.21 -43.06
CA HIS B 294 -10.47 -13.32 -44.00
C HIS B 294 -11.80 -14.06 -44.03
N ALA B 295 -12.44 -14.21 -42.87
CA ALA B 295 -13.72 -14.90 -42.80
C ALA B 295 -14.86 -13.99 -43.24
CD CD C . 28.35 33.73 -4.20
CD CD D . -27.87 8.38 5.95
C1 D12 E . 9.51 20.27 5.06
C2 D12 E . 10.86 19.84 4.51
C3 D12 E . 10.83 18.34 4.17
C4 D12 E . 12.18 17.93 3.58
C5 D12 E . 12.31 18.49 2.16
C6 D12 E . 13.74 18.33 1.67
C7 D12 E . 14.19 16.87 1.79
C8 D12 E . 15.29 16.55 0.78
C9 D12 E . 16.22 17.75 0.62
C10 D12 E . 17.65 17.28 0.32
C11 D12 E . 17.64 16.36 -0.91
C12 D12 E . 19.08 16.05 -1.34
C1 D12 F . 2.85 -15.89 -13.29
C2 D12 F . 3.80 -16.70 -12.40
C3 D12 F . 2.99 -17.71 -11.60
C4 D12 F . 3.86 -18.25 -10.46
C5 D12 F . 3.08 -19.33 -9.69
C6 D12 F . 3.84 -19.67 -8.40
C7 D12 F . 3.33 -21.02 -7.88
C8 D12 F . 3.99 -21.32 -6.54
C9 D12 F . 3.49 -22.67 -6.03
C10 D12 F . 4.17 -23.02 -4.70
C11 D12 F . 3.76 -24.43 -4.28
C12 D12 F . 4.49 -24.81 -2.99
C27 R16 G . 10.17 15.43 8.28
C28 R16 G . 11.04 16.36 7.43
C29 R16 G . 12.49 15.87 7.44
C30 R16 G . 13.41 17.01 7.01
C31 R16 G . 14.84 16.49 6.84
C32 R16 G . 15.71 17.58 6.23
C33 R16 G . 17.11 17.02 5.99
C34 R16 G . 17.91 17.99 5.14
C35 R16 G . 19.18 17.29 4.67
C36 R16 G . 20.28 18.32 4.43
C37 R16 G . 21.54 17.62 3.93
C38 R16 G . 21.64 17.82 2.41
C39 R16 G . 23.08 17.55 1.96
C40 R16 G . 23.30 18.17 0.59
C41 R16 G . 24.79 18.14 0.25
C42 R16 G . 25.04 18.76 -1.12
C5 B7G H . -26.62 16.50 1.66
O5 B7G H . -26.82 17.68 2.53
C1 B7G H . -25.74 17.79 3.52
C2 B7G H . -25.77 16.61 4.50
C3 B7G H . -26.36 15.36 3.94
C4 B7G H . -26.33 15.22 2.45
C6 B7G H . -27.84 16.31 0.82
O1 B7G H . -25.88 18.96 4.21
C7 B7G H . -25.70 20.11 3.42
C8 B7G H . -25.21 21.26 4.30
C9 B7G H . -23.72 21.09 4.60
C10 B7G H . -23.41 21.70 5.96
C11 B7G H . -23.87 20.75 7.07
C12 B7G H . -24.07 21.53 8.37
O2 B7G H . -24.42 16.35 4.93
O3 B7G H . -27.74 15.25 4.40
O4 B7G H . -25.05 14.71 2.06
O6 B7G H . -27.87 17.28 -0.18
C13 B7G H . -24.33 20.56 9.52
C5 B7G I . -25.59 15.41 -4.35
O5 B7G I . -25.27 14.16 -5.06
C1 B7G I . -25.93 12.94 -4.53
C2 B7G I . -26.52 12.99 -3.10
C3 B7G I . -26.49 14.29 -2.38
C4 B7G I . -25.43 15.21 -2.85
C6 B7G I . -24.64 16.48 -4.80
O1 B7G I . -25.01 11.93 -4.56
C7 B7G I . -24.99 11.21 -5.77
C8 B7G I . -23.75 11.59 -6.57
C9 B7G I . -24.15 12.03 -7.97
C10 B7G I . -22.90 12.17 -8.83
C11 B7G I . -23.11 13.28 -9.86
C12 B7G I . -21.75 13.65 -10.48
O2 B7G I . -27.89 12.53 -3.15
O3 B7G I . -26.26 14.02 -0.95
O4 B7G I . -25.56 16.48 -2.18
O6 B7G I . -24.43 16.36 -6.18
C13 B7G I . -21.95 14.70 -11.56
K K J . 0.63 0.32 -2.71
K K K . 2.39 1.23 -7.30
K K L . -1.01 -1.06 0.49
CD CD M . -1.09 -5.92 20.93
C1 D12 N . -10.17 -8.68 -27.62
C2 D12 N . -10.90 -9.06 -26.34
C3 D12 N . -10.24 -10.30 -25.73
C4 D12 N . -10.77 -10.51 -24.32
C5 D12 N . -9.71 -11.23 -23.48
C6 D12 N . -10.20 -11.41 -22.05
C7 D12 N . -9.30 -12.41 -21.35
C8 D12 N . -9.59 -12.43 -19.85
C9 D12 N . -8.45 -13.14 -19.12
C10 D12 N . -8.71 -13.14 -17.61
C11 D12 N . -7.50 -13.75 -16.90
C12 D12 N . -7.87 -14.10 -15.47
C1 OCT O . -5.96 -7.70 -24.33
C2 OCT O . -5.40 -8.42 -23.10
C3 OCT O . -5.06 -9.87 -23.47
C4 OCT O . -4.35 -10.55 -22.31
C5 OCT O . -5.38 -11.19 -21.37
C6 OCT O . -4.82 -11.26 -19.95
C7 OCT O . -4.70 -12.72 -19.50
C8 OCT O . -3.47 -13.35 -20.14
C1 D10 P . -4.05 18.90 16.80
C2 D10 P . -2.55 18.86 17.02
C3 D10 P . -1.83 19.12 15.70
C4 D10 P . -0.41 18.54 15.77
C5 D10 P . 0.29 18.76 14.42
C6 D10 P . 1.74 18.31 14.54
C7 D10 P . 2.52 18.72 13.29
C8 D10 P . 4.00 18.45 13.51
C9 D10 P . 4.78 18.85 12.26
C10 D10 P . 6.27 18.65 12.51
#